data_3WNZ
#
_entry.id   3WNZ
#
_cell.length_a   90.581
_cell.length_b   90.581
_cell.length_c   252.654
_cell.angle_alpha   90.00
_cell.angle_beta   90.00
_cell.angle_gamma   120.00
#
_symmetry.space_group_name_H-M   'P 65 2 2'
#
loop_
_entity.id
_entity.type
_entity.pdbx_description
1 polymer 'Alanine-anticapsin ligase BacD'
2 non-polymer "ADENOSINE-5'-DIPHOSPHATE"
3 non-polymer 'MAGNESIUM ION'
4 non-polymer 'PHOSPHATE ION'
5 water water
#
_entity_poly.entity_id   1
_entity_poly.type   'polypeptide(L)'
_entity_poly.pdbx_seq_one_letter_code
;GPLGSKTVLVIADLGGCPPHMFYKSAAEKYNLVSFIPRPFAITASHAALIEKYSVAVIKDKDYFKSLADFEHPDSIYWAH
EDHNKPEEEVVEQIVKVAEMFGADAITTNNELFIAPMAKACERLGLRGAGVQAAENARDKNKMRDAFNKAGVKSIKNKRV
TTLEDFRAALEEIGTPLILKPTYLASSIGVTLITDTETAEDEFNRVNDYLKSINVPKAVTFEAPFIAEEFLQGEYGDWYQ
TEGYSDYISIEGIMADGEYFPIAIHDKTPQIGFTETSHITPSILDEEAKKKIVEAAKKANEGLGLQNCATHTEIKLMKNR
EPGLIESAARFAGWNMIPNIKKVFGLDMAQLLLDVLCFGKDADLPDGLLDQEPYYVADCHLYPQHFKQNGQIPETAEDLV
IEAIDIPDGLLKGDTEIVSFSAAAPGTSVDLTLFEAFNSIAAFELKGSNSQDVAESIRQIQQHAKLTAKY
;
_entity_poly.pdbx_strand_id   A
#
loop_
_chem_comp.id
_chem_comp.type
_chem_comp.name
_chem_comp.formula
ADP non-polymer ADENOSINE-5'-DIPHOSPHATE 'C10 H15 N5 O10 P2'
MG non-polymer 'MAGNESIUM ION' 'Mg 2'
PO4 non-polymer 'PHOSPHATE ION' 'O4 P -3'
#
# COMPACT_ATOMS: atom_id res chain seq x y z
N LYS A 6 7.54 25.78 -10.36
CA LYS A 6 6.45 25.48 -9.38
C LYS A 6 7.01 24.84 -8.09
N THR A 7 6.32 25.06 -6.98
CA THR A 7 6.74 24.59 -5.64
C THR A 7 5.70 23.55 -5.17
N VAL A 8 6.19 22.36 -4.88
CA VAL A 8 5.38 21.26 -4.38
C VAL A 8 5.72 21.04 -2.92
N LEU A 9 4.70 21.01 -2.09
CA LEU A 9 4.88 20.65 -0.67
C LEU A 9 4.58 19.16 -0.53
N VAL A 10 5.55 18.39 -0.05
CA VAL A 10 5.31 17.00 0.35
C VAL A 10 5.19 16.85 1.86
N ILE A 11 4.10 16.19 2.26
CA ILE A 11 3.91 15.75 3.64
C ILE A 11 4.62 14.43 3.77
N ALA A 12 5.81 14.46 4.36
CA ALA A 12 6.72 13.32 4.32
C ALA A 12 6.43 12.35 5.45
N ASP A 13 6.11 11.10 5.11
CA ASP A 13 5.93 10.06 6.15
C ASP A 13 6.10 8.69 5.49
N LEU A 14 5.58 7.63 6.11
CA LEU A 14 5.83 6.25 5.62
C LEU A 14 4.98 5.83 4.39
N GLY A 15 5.49 4.88 3.60
CA GLY A 15 4.68 4.22 2.57
C GLY A 15 4.63 4.93 1.21
N GLY A 16 3.84 4.37 0.31
CA GLY A 16 3.64 4.94 -1.03
C GLY A 16 4.87 4.85 -1.90
N CYS A 17 5.00 5.77 -2.87
CA CYS A 17 6.19 5.85 -3.69
C CYS A 17 7.42 6.06 -2.81
N PRO A 18 8.38 5.12 -2.89
CA PRO A 18 9.44 5.05 -1.87
C PRO A 18 10.35 6.25 -1.96
N PRO A 19 10.95 6.63 -0.82
CA PRO A 19 11.79 7.82 -0.86
C PRO A 19 12.89 7.78 -1.93
N HIS A 20 13.43 6.60 -2.22
CA HIS A 20 14.54 6.47 -3.18
C HIS A 20 14.13 6.90 -4.59
N MET A 21 12.84 6.90 -4.88
CA MET A 21 12.36 7.45 -6.14
C MET A 21 11.72 8.81 -6.01
N PHE A 22 10.78 8.95 -5.08
CA PHE A 22 9.95 10.14 -5.04
C PHE A 22 10.75 11.48 -5.00
N TYR A 23 11.74 11.61 -4.14
CA TYR A 23 12.37 12.93 -3.94
C TYR A 23 13.14 13.35 -5.15
N LYS A 24 13.86 12.41 -5.73
CA LYS A 24 14.70 12.72 -6.86
C LYS A 24 13.81 13.01 -8.06
N SER A 25 12.78 12.21 -8.22
CA SER A 25 11.77 12.46 -9.26
C SER A 25 11.13 13.85 -9.19
N ALA A 26 10.67 14.22 -8.00
CA ALA A 26 10.01 15.49 -7.84
C ALA A 26 10.99 16.65 -8.07
N ALA A 27 12.21 16.51 -7.55
CA ALA A 27 13.17 17.63 -7.54
C ALA A 27 13.73 17.91 -8.91
N GLU A 28 13.58 16.93 -9.81
CA GLU A 28 13.96 17.11 -11.20
C GLU A 28 13.22 18.28 -11.84
N LYS A 29 11.92 18.37 -11.58
CA LYS A 29 11.08 19.29 -12.29
C LYS A 29 10.46 20.34 -11.41
N TYR A 30 10.51 20.14 -10.08
CA TYR A 30 9.80 21.06 -9.18
C TYR A 30 10.69 21.48 -8.02
N ASN A 31 10.36 22.60 -7.41
CA ASN A 31 10.96 22.98 -6.15
C ASN A 31 10.20 22.32 -4.99
N LEU A 32 10.87 21.37 -4.34
CA LEU A 32 10.25 20.54 -3.33
C LEU A 32 10.48 21.14 -1.93
N VAL A 33 9.39 21.32 -1.19
CA VAL A 33 9.45 21.62 0.22
C VAL A 33 8.85 20.48 1.01
N SER A 34 9.56 20.01 2.03
CA SER A 34 9.06 18.87 2.81
C SER A 34 8.59 19.26 4.19
N PHE A 35 7.37 18.82 4.55
CA PHE A 35 6.81 18.97 5.88
C PHE A 35 6.79 17.58 6.56
N ILE A 36 7.40 17.53 7.75
CA ILE A 36 7.50 16.29 8.53
C ILE A 36 6.65 16.39 9.80
N PRO A 37 5.38 15.93 9.75
CA PRO A 37 4.53 16.03 10.92
C PRO A 37 4.92 15.07 12.05
N ARG A 38 5.62 14.00 11.69
CA ARG A 38 6.03 12.96 12.64
C ARG A 38 7.51 12.69 12.42
N PRO A 39 8.38 13.48 13.06
CA PRO A 39 9.81 13.28 12.92
C PRO A 39 10.24 11.83 13.21
N PHE A 40 9.55 11.19 14.15
CA PHE A 40 9.81 9.82 14.55
C PHE A 40 9.44 8.76 13.52
N ALA A 41 8.76 9.14 12.44
CA ALA A 41 8.35 8.20 11.41
C ALA A 41 9.40 8.09 10.32
N ILE A 42 10.49 8.84 10.46
CA ILE A 42 11.42 9.02 9.37
C ILE A 42 12.68 8.22 9.62
N THR A 43 13.03 7.33 8.69
CA THR A 43 14.30 6.59 8.79
C THR A 43 15.50 7.47 8.43
N ALA A 44 16.69 6.98 8.75
CA ALA A 44 17.93 7.67 8.42
C ALA A 44 18.12 7.84 6.91
N SER A 45 17.77 6.80 6.14
CA SER A 45 17.87 6.92 4.70
C SER A 45 16.87 7.96 4.17
N HIS A 46 15.63 7.86 4.63
CA HIS A 46 14.57 8.82 4.27
C HIS A 46 14.92 10.26 4.62
N ALA A 47 15.49 10.45 5.81
CA ALA A 47 15.91 11.77 6.26
C ALA A 47 16.98 12.34 5.32
N ALA A 48 17.90 11.50 4.90
CA ALA A 48 18.95 11.90 3.98
C ALA A 48 18.41 12.33 2.62
N LEU A 49 17.39 11.62 2.15
CA LEU A 49 16.81 11.93 0.87
C LEU A 49 16.00 13.20 0.92
N ILE A 50 15.26 13.39 2.01
CA ILE A 50 14.50 14.60 2.21
C ILE A 50 15.48 15.79 2.20
N GLU A 51 16.58 15.65 2.91
CA GLU A 51 17.59 16.73 3.04
C GLU A 51 18.21 17.01 1.69
N LYS A 52 18.48 15.96 0.92
CA LYS A 52 19.21 16.11 -0.34
C LYS A 52 18.40 16.86 -1.39
N TYR A 53 17.10 16.58 -1.47
CA TYR A 53 16.31 17.05 -2.62
C TYR A 53 15.33 18.17 -2.31
N SER A 54 15.16 18.52 -1.05
CA SER A 54 14.29 19.61 -0.68
C SER A 54 15.01 20.95 -0.62
N VAL A 55 14.38 21.98 -1.16
CA VAL A 55 14.91 23.31 -1.04
C VAL A 55 14.62 23.88 0.36
N ALA A 56 13.54 23.39 0.99
CA ALA A 56 13.20 23.71 2.36
C ALA A 56 12.55 22.52 3.07
N VAL A 57 12.80 22.44 4.36
CA VAL A 57 12.31 21.35 5.22
C VAL A 57 11.78 21.98 6.52
N ILE A 58 10.58 21.58 6.92
CA ILE A 58 10.06 21.95 8.27
C ILE A 58 9.58 20.72 9.03
N LYS A 59 10.01 20.60 10.28
CA LYS A 59 9.54 19.55 11.18
C LYS A 59 8.56 20.09 12.23
N ASP A 60 7.65 19.23 12.70
CA ASP A 60 6.81 19.61 13.80
C ASP A 60 7.71 19.68 15.02
N LYS A 61 7.94 20.86 15.54
CA LYS A 61 8.83 21.01 16.71
C LYS A 61 8.29 20.46 18.05
N ASP A 62 6.99 20.18 18.15
CA ASP A 62 6.43 19.57 19.34
C ASP A 62 6.97 18.17 19.61
N TYR A 63 7.42 17.49 18.58
CA TYR A 63 7.98 16.16 18.75
C TYR A 63 9.53 16.22 18.73
N PHE A 64 10.06 17.05 19.65
CA PHE A 64 11.50 17.15 20.05
C PHE A 64 11.66 17.64 21.53
N LYS A 65 11.94 16.73 22.45
CA LYS A 65 12.02 17.12 23.88
C LYS A 65 13.41 16.91 24.48
N SER A 66 14.17 15.97 23.93
CA SER A 66 15.57 15.81 24.27
C SER A 66 16.37 15.56 23.00
N LEU A 67 17.69 15.49 23.15
CA LEU A 67 18.59 15.39 22.02
C LEU A 67 18.41 14.06 21.26
N ALA A 68 17.70 13.10 21.85
CA ALA A 68 17.54 11.77 21.24
C ALA A 68 16.29 11.68 20.37
N ASP A 69 15.38 12.63 20.53
CA ASP A 69 14.36 12.84 19.51
C ASP A 69 15.02 13.13 18.17
N PHE A 70 16.28 13.58 18.17
CA PHE A 70 16.99 13.88 16.92
C PHE A 70 17.53 12.61 16.19
N GLU A 71 17.48 11.45 16.84
CA GLU A 71 18.00 10.21 16.26
C GLU A 71 17.02 9.67 15.21
N HIS A 72 17.55 9.16 14.09
CA HIS A 72 16.74 8.45 13.08
C HIS A 72 17.07 6.97 13.11
N PRO A 73 16.07 6.10 13.35
CA PRO A 73 16.30 4.65 13.20
C PRO A 73 16.65 4.26 11.77
N ASP A 74 17.37 3.15 11.60
CA ASP A 74 17.59 2.59 10.25
C ASP A 74 16.29 2.07 9.61
N SER A 75 15.40 1.52 10.41
CA SER A 75 14.18 0.89 9.87
C SER A 75 12.97 1.09 10.77
N ILE A 76 11.85 1.40 10.13
CA ILE A 76 10.57 1.61 10.83
C ILE A 76 9.47 0.86 10.05
N TYR A 77 8.82 -0.11 10.70
CA TYR A 77 7.66 -0.82 10.08
C TYR A 77 6.32 -0.16 10.42
N TRP A 78 6.29 0.64 11.47
CA TRP A 78 5.08 1.36 11.86
C TRP A 78 5.47 2.37 12.92
N ALA A 79 4.88 3.57 12.86
CA ALA A 79 5.20 4.63 13.81
C ALA A 79 4.49 4.42 15.14
N HIS A 80 5.27 4.24 16.22
CA HIS A 80 4.73 3.83 17.53
C HIS A 80 4.46 5.02 18.46
N GLU A 81 5.10 6.15 18.21
CA GLU A 81 5.00 7.30 19.10
C GLU A 81 3.67 8.03 18.94
N ASP A 82 3.28 8.77 19.96
CA ASP A 82 1.99 9.48 19.97
C ASP A 82 2.02 10.65 19.01
N HIS A 83 0.96 10.79 18.24
CA HIS A 83 0.68 12.06 17.60
C HIS A 83 -0.76 12.48 17.90
N ASN A 84 -0.87 13.55 18.70
CA ASN A 84 -2.09 13.82 19.46
C ASN A 84 -2.90 15.02 18.95
N LYS A 85 -2.53 15.58 17.82
CA LYS A 85 -3.24 16.74 17.29
C LYS A 85 -4.50 16.30 16.56
N PRO A 86 -5.64 16.95 16.88
CA PRO A 86 -6.88 16.76 16.10
C PRO A 86 -6.73 17.12 14.65
N GLU A 87 -7.58 16.57 13.79
CA GLU A 87 -7.45 16.76 12.35
C GLU A 87 -7.47 18.23 11.95
N GLU A 88 -8.39 19.02 12.53
CA GLU A 88 -8.45 20.46 12.20
C GLU A 88 -7.11 21.15 12.46
N GLU A 89 -6.45 20.80 13.58
CA GLU A 89 -5.12 21.35 13.87
C GLU A 89 -4.07 20.95 12.84
N VAL A 90 -4.11 19.70 12.39
CA VAL A 90 -3.19 19.20 11.35
C VAL A 90 -3.48 19.90 10.03
N VAL A 91 -4.75 20.07 9.69
CA VAL A 91 -5.08 20.87 8.50
C VAL A 91 -4.45 22.27 8.57
N GLU A 92 -4.63 22.94 9.71
CA GLU A 92 -4.11 24.29 9.87
C GLU A 92 -2.59 24.33 9.74
N GLN A 93 -1.90 23.29 10.18
CA GLN A 93 -0.43 23.21 10.00
C GLN A 93 -0.02 23.14 8.56
N ILE A 94 -0.69 22.26 7.82
CA ILE A 94 -0.41 22.05 6.42
C ILE A 94 -0.62 23.33 5.67
N VAL A 95 -1.72 24.02 5.96
CA VAL A 95 -2.02 25.27 5.36
C VAL A 95 -0.95 26.31 5.67
N LYS A 96 -0.54 26.37 6.93
CA LYS A 96 0.45 27.38 7.35
C LYS A 96 1.76 27.17 6.56
N VAL A 97 2.17 25.91 6.39
CA VAL A 97 3.41 25.59 5.68
C VAL A 97 3.32 25.90 4.18
N ALA A 98 2.21 25.48 3.54
CA ALA A 98 1.98 25.85 2.13
C ALA A 98 2.00 27.35 1.94
N GLU A 99 1.39 28.08 2.86
CA GLU A 99 1.38 29.51 2.76
C GLU A 99 2.78 30.12 2.95
N MET A 100 3.55 29.60 3.91
CA MET A 100 4.96 30.05 4.15
C MET A 100 5.80 29.98 2.85
N PHE A 101 5.53 28.98 2.03
CA PHE A 101 6.37 28.66 0.87
C PHE A 101 5.75 28.85 -0.50
N GLY A 102 4.53 29.39 -0.53
CA GLY A 102 3.88 29.66 -1.78
C GLY A 102 3.70 28.35 -2.54
N ALA A 103 3.34 27.28 -1.84
CA ALA A 103 3.10 25.98 -2.54
C ALA A 103 2.00 26.06 -3.60
N ASP A 104 2.32 25.50 -4.75
CA ASP A 104 1.44 25.38 -5.90
C ASP A 104 0.70 24.03 -5.89
N ALA A 105 1.20 23.07 -5.08
CA ALA A 105 0.61 21.76 -4.94
C ALA A 105 1.05 21.16 -3.64
N ILE A 106 0.24 20.23 -3.13
CA ILE A 106 0.56 19.43 -1.94
C ILE A 106 0.34 17.95 -2.25
N THR A 107 1.28 17.10 -1.88
CA THR A 107 1.12 15.67 -2.03
C THR A 107 1.65 14.94 -0.81
N THR A 108 1.23 13.68 -0.69
CA THR A 108 1.77 12.78 0.29
C THR A 108 1.76 11.35 -0.22
N ASN A 109 2.70 10.57 0.30
CA ASN A 109 2.79 9.13 0.03
C ASN A 109 2.22 8.29 1.15
N ASN A 110 1.81 8.94 2.23
CA ASN A 110 1.33 8.28 3.43
C ASN A 110 -0.18 8.29 3.59
N GLU A 111 -0.72 7.10 3.77
CA GLU A 111 -2.15 6.87 3.95
C GLU A 111 -2.77 7.72 5.08
N LEU A 112 -2.05 7.90 6.18
CA LEU A 112 -2.72 8.44 7.34
C LEU A 112 -2.97 9.93 7.25
N PHE A 113 -2.24 10.63 6.38
CA PHE A 113 -2.43 12.08 6.20
C PHE A 113 -3.30 12.50 4.99
N ILE A 114 -3.90 11.53 4.31
CA ILE A 114 -4.69 11.79 3.11
C ILE A 114 -5.90 12.68 3.35
N ALA A 115 -6.68 12.40 4.40
CA ALA A 115 -7.88 13.22 4.66
C ALA A 115 -7.53 14.69 4.99
N PRO A 116 -6.61 14.94 5.96
CA PRO A 116 -6.29 16.34 6.24
C PRO A 116 -5.70 17.07 5.06
N MET A 117 -4.91 16.40 4.21
CA MET A 117 -4.29 17.07 3.10
C MET A 117 -5.36 17.59 2.15
N ALA A 118 -6.38 16.78 1.87
CA ALA A 118 -7.46 17.17 0.96
C ALA A 118 -8.16 18.45 1.47
N LYS A 119 -8.39 18.49 2.79
CA LYS A 119 -8.95 19.68 3.41
C LYS A 119 -8.01 20.90 3.23
N ALA A 120 -6.70 20.70 3.38
CA ALA A 120 -5.78 21.81 3.19
C ALA A 120 -5.80 22.31 1.75
N CYS A 121 -5.83 21.40 0.77
CA CYS A 121 -5.91 21.81 -0.61
C CYS A 121 -7.22 22.59 -0.97
N GLU A 122 -8.36 22.15 -0.47
CA GLU A 122 -9.61 22.85 -0.72
C GLU A 122 -9.50 24.31 -0.21
N ARG A 123 -9.09 24.44 1.04
CA ARG A 123 -8.96 25.75 1.67
C ARG A 123 -8.01 26.66 0.90
N LEU A 124 -6.96 26.09 0.32
CA LEU A 124 -5.96 26.87 -0.44
C LEU A 124 -6.27 27.06 -1.91
N GLY A 125 -7.31 26.42 -2.40
CA GLY A 125 -7.66 26.53 -3.78
C GLY A 125 -6.69 25.75 -4.67
N LEU A 126 -6.08 24.68 -4.12
CA LEU A 126 -5.17 23.83 -4.89
C LEU A 126 -5.86 22.52 -5.26
N ARG A 127 -5.28 21.80 -6.20
CA ARG A 127 -5.86 20.54 -6.65
C ARG A 127 -5.64 19.47 -5.63
N GLY A 128 -6.66 18.66 -5.37
CA GLY A 128 -6.52 17.61 -4.40
C GLY A 128 -7.49 16.52 -4.62
N ALA A 129 -7.51 15.57 -3.69
CA ALA A 129 -8.43 14.47 -3.77
C ALA A 129 -9.87 14.86 -3.74
N GLY A 130 -10.20 15.96 -3.03
CA GLY A 130 -11.58 16.37 -2.74
C GLY A 130 -11.85 15.95 -1.29
N VAL A 131 -12.50 16.83 -0.52
CA VAL A 131 -12.64 16.60 0.91
C VAL A 131 -13.39 15.33 1.26
N GLN A 132 -14.61 15.20 0.76
CA GLN A 132 -15.44 14.03 1.07
C GLN A 132 -14.89 12.80 0.36
N ALA A 133 -14.30 12.99 -0.83
CA ALA A 133 -13.70 11.85 -1.56
C ALA A 133 -12.52 11.22 -0.79
N ALA A 134 -11.68 12.05 -0.16
CA ALA A 134 -10.54 11.56 0.64
C ALA A 134 -11.03 10.82 1.89
N GLU A 135 -12.11 11.29 2.47
CA GLU A 135 -12.72 10.60 3.58
C GLU A 135 -13.27 9.25 3.16
N ASN A 136 -13.83 9.18 1.95
CA ASN A 136 -14.33 7.92 1.42
C ASN A 136 -13.21 6.94 1.13
N ALA A 137 -12.05 7.47 0.74
CA ALA A 137 -10.92 6.64 0.43
C ALA A 137 -10.15 6.22 1.66
N ARG A 138 -10.67 6.56 2.84
CA ARG A 138 -9.91 6.40 4.10
C ARG A 138 -10.70 5.80 5.27
N ASP A 139 -11.99 5.66 5.09
CA ASP A 139 -12.82 4.97 6.05
C ASP A 139 -13.49 3.84 5.27
N LYS A 140 -13.08 2.62 5.53
CA LYS A 140 -13.50 1.47 4.68
C LYS A 140 -15.04 1.29 4.70
N ASN A 141 -15.74 1.74 5.76
CA ASN A 141 -17.21 1.69 5.71
C ASN A 141 -17.79 2.70 4.71
N LYS A 142 -17.18 3.88 4.63
CA LYS A 142 -17.59 4.91 3.66
C LYS A 142 -17.24 4.46 2.26
N MET A 143 -16.06 3.87 2.13
CA MET A 143 -15.55 3.40 0.85
C MET A 143 -16.48 2.33 0.30
N ARG A 144 -16.78 1.31 1.11
CA ARG A 144 -17.62 0.18 0.68
C ARG A 144 -19.03 0.65 0.31
N ASP A 145 -19.54 1.66 1.01
CA ASP A 145 -20.80 2.31 0.65
C ASP A 145 -20.75 3.01 -0.72
N ALA A 146 -19.68 3.75 -0.96
CA ALA A 146 -19.46 4.38 -2.28
C ALA A 146 -19.36 3.35 -3.40
N PHE A 147 -18.52 2.32 -3.20
CA PHE A 147 -18.46 1.19 -4.13
C PHE A 147 -19.82 0.54 -4.44
N ASN A 148 -20.62 0.27 -3.41
CA ASN A 148 -21.95 -0.36 -3.60
C ASN A 148 -22.83 0.52 -4.48
N LYS A 149 -22.71 1.83 -4.30
CA LYS A 149 -23.45 2.80 -5.10
C LYS A 149 -22.96 2.93 -6.54
N ALA A 150 -21.71 2.56 -6.80
CA ALA A 150 -21.06 2.87 -8.08
C ALA A 150 -21.31 1.88 -9.22
N GLY A 151 -21.99 0.76 -8.95
CA GLY A 151 -22.31 -0.19 -10.03
C GLY A 151 -21.14 -1.08 -10.46
N VAL A 152 -20.14 -1.17 -9.59
CA VAL A 152 -19.30 -2.36 -9.47
C VAL A 152 -20.09 -3.39 -8.64
N LYS A 153 -19.62 -4.62 -8.55
CA LYS A 153 -20.29 -5.63 -7.72
C LYS A 153 -20.44 -5.15 -6.27
N SER A 154 -21.65 -5.34 -5.73
CA SER A 154 -21.98 -4.94 -4.36
C SER A 154 -21.91 -6.15 -3.43
N ILE A 155 -21.58 -5.92 -2.16
CA ILE A 155 -21.61 -6.95 -1.14
C ILE A 155 -22.14 -6.45 0.18
N LYS A 156 -22.60 -7.38 1.01
CA LYS A 156 -23.09 -7.03 2.34
C LYS A 156 -21.96 -6.61 3.26
N ASN A 157 -22.20 -5.57 4.08
CA ASN A 157 -21.18 -5.06 4.97
C ASN A 157 -21.84 -4.33 6.13
N LYS A 158 -21.25 -4.45 7.31
CA LYS A 158 -21.81 -3.85 8.53
C LYS A 158 -20.76 -3.20 9.38
N ARG A 159 -21.16 -2.10 10.05
CA ARG A 159 -20.29 -1.38 10.97
C ARG A 159 -20.17 -2.14 12.29
N VAL A 160 -18.94 -2.41 12.72
CA VAL A 160 -18.75 -3.13 13.98
C VAL A 160 -17.92 -2.37 15.01
N THR A 161 -18.49 -2.19 16.21
CA THR A 161 -17.74 -1.69 17.37
C THR A 161 -17.73 -2.71 18.49
N THR A 162 -18.88 -3.32 18.73
CA THR A 162 -19.08 -4.17 19.88
C THR A 162 -19.16 -5.65 19.48
N LEU A 163 -18.94 -6.51 20.46
CA LEU A 163 -19.20 -7.96 20.32
C LEU A 163 -20.64 -8.19 19.85
N GLU A 164 -21.55 -7.33 20.31
CA GLU A 164 -22.96 -7.37 19.92
C GLU A 164 -23.09 -7.04 18.45
N ASP A 165 -22.40 -5.99 18.02
CA ASP A 165 -22.33 -5.63 16.60
C ASP A 165 -21.78 -6.77 15.75
N PHE A 166 -20.68 -7.38 16.21
CA PHE A 166 -20.04 -8.46 15.46
C PHE A 166 -20.96 -9.68 15.31
N ARG A 167 -21.56 -10.07 16.43
CA ARG A 167 -22.54 -11.17 16.47
C ARG A 167 -23.63 -10.94 15.42
N ALA A 168 -24.20 -9.74 15.40
CA ALA A 168 -25.24 -9.39 14.44
C ALA A 168 -24.70 -9.52 13.03
N ALA A 169 -23.49 -9.02 12.79
CA ALA A 169 -22.92 -8.97 11.45
C ALA A 169 -22.74 -10.39 10.87
N LEU A 170 -22.16 -11.28 11.68
CA LEU A 170 -21.97 -12.68 11.33
C LEU A 170 -23.27 -13.43 11.02
N GLU A 171 -24.33 -13.15 11.77
CA GLU A 171 -25.65 -13.71 11.47
C GLU A 171 -26.19 -13.22 10.13
N GLU A 172 -26.07 -11.93 9.86
CA GLU A 172 -26.66 -11.33 8.66
C GLU A 172 -25.83 -11.69 7.44
N ILE A 173 -24.50 -11.73 7.61
CA ILE A 173 -23.57 -11.91 6.48
C ILE A 173 -23.27 -13.39 6.23
N GLY A 174 -23.22 -14.18 7.30
CA GLY A 174 -22.76 -15.56 7.21
C GLY A 174 -21.26 -15.64 6.95
N THR A 175 -20.72 -16.85 7.11
CA THR A 175 -19.37 -17.15 6.66
C THR A 175 -19.36 -17.49 5.15
N PRO A 176 -18.23 -17.27 4.47
CA PRO A 176 -17.06 -16.68 5.06
C PRO A 176 -17.21 -15.17 5.19
N LEU A 177 -16.57 -14.62 6.21
CA LEU A 177 -16.70 -13.20 6.52
C LEU A 177 -15.31 -12.63 6.69
N ILE A 178 -15.13 -11.42 6.14
CA ILE A 178 -13.96 -10.62 6.41
C ILE A 178 -14.31 -9.60 7.48
N LEU A 179 -13.52 -9.62 8.54
CA LEU A 179 -13.57 -8.60 9.57
C LEU A 179 -12.27 -7.83 9.54
N LYS A 180 -12.36 -6.52 9.43
CA LYS A 180 -11.14 -5.72 9.40
C LYS A 180 -11.30 -4.31 9.93
N PRO A 181 -10.21 -3.76 10.49
CA PRO A 181 -10.18 -2.34 10.86
C PRO A 181 -10.50 -1.48 9.66
N THR A 182 -11.17 -0.36 9.90
CA THR A 182 -11.59 0.54 8.82
C THR A 182 -10.56 1.65 8.41
N TYR A 183 -9.46 1.78 9.13
CA TYR A 183 -8.64 3.02 9.03
C TYR A 183 -7.13 2.78 8.93
N LEU A 184 -6.71 1.52 8.77
CA LEU A 184 -5.31 1.19 8.75
C LEU A 184 -4.85 0.85 7.34
N ALA A 185 -3.86 -0.06 7.25
CA ALA A 185 -3.27 -0.45 5.98
C ALA A 185 -2.48 -1.76 6.14
N SER A 186 -1.83 -2.22 5.07
CA SER A 186 -0.87 -3.34 5.16
C SER A 186 -1.50 -4.62 5.76
N SER A 187 -2.83 -4.75 5.65
CA SER A 187 -3.55 -5.95 6.13
C SER A 187 -3.55 -6.08 7.65
N ILE A 188 -3.31 -4.98 8.34
CA ILE A 188 -3.25 -5.03 9.81
C ILE A 188 -4.66 -5.35 10.32
N GLY A 189 -4.75 -6.37 11.16
CA GLY A 189 -6.02 -6.80 11.73
C GLY A 189 -6.97 -7.49 10.74
N VAL A 190 -6.56 -7.67 9.50
CA VAL A 190 -7.50 -8.22 8.52
C VAL A 190 -7.66 -9.72 8.82
N THR A 191 -8.88 -10.13 9.17
CA THR A 191 -9.13 -11.50 9.56
C THR A 191 -10.25 -12.17 8.77
N LEU A 192 -10.02 -13.43 8.44
CA LEU A 192 -10.99 -14.27 7.76
C LEU A 192 -11.73 -15.12 8.79
N ILE A 193 -13.07 -14.96 8.83
CA ILE A 193 -13.94 -15.72 9.73
C ILE A 193 -14.67 -16.84 8.96
N THR A 194 -14.41 -18.10 9.32
CA THR A 194 -15.04 -19.26 8.65
C THR A 194 -15.82 -20.17 9.60
N ASP A 195 -15.66 -19.95 10.91
CA ASP A 195 -16.15 -20.88 11.93
C ASP A 195 -16.99 -20.11 12.95
N THR A 196 -18.30 -20.34 12.95
CA THR A 196 -19.21 -19.66 13.89
C THR A 196 -18.94 -20.10 15.34
N GLU A 197 -18.27 -21.23 15.50
CA GLU A 197 -17.93 -21.74 16.83
C GLU A 197 -16.89 -20.84 17.51
N THR A 198 -15.96 -20.31 16.72
CA THR A 198 -14.79 -19.63 17.27
C THR A 198 -14.80 -18.16 16.87
N ALA A 199 -15.82 -17.76 16.13
CA ALA A 199 -15.86 -16.43 15.52
C ALA A 199 -15.83 -15.31 16.57
N GLU A 200 -16.53 -15.50 17.69
CA GLU A 200 -16.65 -14.49 18.72
C GLU A 200 -15.33 -14.28 19.51
N ASP A 201 -14.58 -15.37 19.68
CA ASP A 201 -13.24 -15.29 20.27
C ASP A 201 -12.25 -14.61 19.31
N GLU A 202 -12.34 -14.96 18.02
CA GLU A 202 -11.58 -14.29 16.97
C GLU A 202 -11.81 -12.76 17.04
N PHE A 203 -13.06 -12.34 17.24
CA PHE A 203 -13.34 -10.90 17.36
C PHE A 203 -12.69 -10.31 18.59
N ASN A 204 -12.94 -10.93 19.74
CA ASN A 204 -12.40 -10.43 21.02
C ASN A 204 -10.90 -10.24 20.95
N ARG A 205 -10.22 -11.15 20.25
CA ARG A 205 -8.77 -11.13 20.12
C ARG A 205 -8.25 -9.95 19.31
N VAL A 206 -8.81 -9.72 18.12
CA VAL A 206 -8.33 -8.62 17.26
C VAL A 206 -8.85 -7.26 17.72
N ASN A 207 -9.95 -7.27 18.45
CA ASN A 207 -10.40 -6.08 19.16
C ASN A 207 -9.29 -5.59 20.08
N ASP A 208 -8.78 -6.47 20.95
CA ASP A 208 -7.75 -6.11 21.93
C ASP A 208 -6.44 -5.70 21.27
N TYR A 209 -6.09 -6.44 20.21
CA TYR A 209 -4.96 -6.10 19.33
C TYR A 209 -5.10 -4.69 18.71
N LEU A 210 -6.24 -4.42 18.08
CA LEU A 210 -6.47 -3.14 17.42
C LEU A 210 -6.19 -1.94 18.34
N LYS A 211 -6.58 -2.07 19.61
CA LYS A 211 -6.42 -0.99 20.58
C LYS A 211 -4.95 -0.72 20.94
N SER A 212 -4.07 -1.68 20.64
CA SER A 212 -2.63 -1.51 20.83
C SER A 212 -1.92 -0.88 19.61
N ILE A 213 -2.65 -0.71 18.51
CA ILE A 213 -2.07 -0.05 17.33
C ILE A 213 -2.13 1.47 17.51
N ASN A 214 -0.98 2.10 17.31
CA ASN A 214 -0.85 3.54 17.49
C ASN A 214 -1.20 4.24 16.18
N VAL A 215 -2.23 5.07 16.20
CA VAL A 215 -2.51 5.98 15.08
C VAL A 215 -2.65 7.42 15.57
N PRO A 216 -2.35 8.39 14.70
CA PRO A 216 -2.57 9.80 15.08
C PRO A 216 -4.05 10.07 15.40
N LYS A 217 -4.29 11.02 16.30
CA LYS A 217 -5.67 11.43 16.63
C LYS A 217 -6.38 12.05 15.40
N ALA A 218 -5.60 12.51 14.42
CA ALA A 218 -6.16 13.04 13.19
C ALA A 218 -6.97 12.01 12.40
N VAL A 219 -6.77 10.73 12.71
CA VAL A 219 -7.49 9.63 12.01
C VAL A 219 -8.78 9.30 12.74
N THR A 220 -9.94 9.52 12.09
CA THR A 220 -11.23 9.21 12.72
C THR A 220 -12.01 8.33 11.75
N PHE A 221 -13.07 7.70 12.25
CA PHE A 221 -13.73 6.64 11.51
C PHE A 221 -15.09 6.43 12.14
N GLU A 222 -16.05 5.92 11.38
CA GLU A 222 -17.41 5.79 11.90
C GLU A 222 -17.51 4.65 12.92
N ALA A 223 -16.85 3.54 12.61
CA ALA A 223 -16.81 2.40 13.51
C ALA A 223 -15.41 1.81 13.39
N PRO A 224 -14.91 1.13 14.42
CA PRO A 224 -13.54 0.61 14.28
C PRO A 224 -13.40 -0.51 13.26
N PHE A 225 -14.44 -1.33 13.13
CA PHE A 225 -14.36 -2.52 12.26
C PHE A 225 -15.36 -2.42 11.12
N ILE A 226 -15.03 -3.05 9.99
CA ILE A 226 -16.03 -3.39 9.01
C ILE A 226 -16.02 -4.91 8.90
N ALA A 227 -17.21 -5.48 8.88
CA ALA A 227 -17.38 -6.89 8.56
C ALA A 227 -18.13 -6.93 7.25
N GLU A 228 -17.62 -7.73 6.31
CA GLU A 228 -18.16 -7.75 4.98
C GLU A 228 -17.97 -9.11 4.33
N GLU A 229 -18.75 -9.37 3.31
CA GLU A 229 -18.62 -10.63 2.57
C GLU A 229 -17.19 -10.87 2.13
N PHE A 230 -16.68 -12.08 2.36
CA PHE A 230 -15.49 -12.54 1.67
C PHE A 230 -15.70 -12.64 0.15
N LEU A 231 -14.89 -11.93 -0.62
CA LEU A 231 -14.97 -12.07 -2.06
C LEU A 231 -14.19 -13.29 -2.52
N GLN A 232 -14.90 -14.30 -3.03
CA GLN A 232 -14.25 -15.54 -3.47
C GLN A 232 -13.53 -15.30 -4.78
N GLY A 233 -12.27 -15.71 -4.85
CA GLY A 233 -11.55 -15.72 -6.13
C GLY A 233 -11.91 -16.93 -7.00
N GLU A 234 -11.85 -16.74 -8.32
CA GLU A 234 -11.90 -17.86 -9.29
C GLU A 234 -10.74 -17.76 -10.28
N TYR A 235 -9.58 -18.16 -9.82
CA TYR A 235 -8.28 -18.02 -10.52
C TYR A 235 -8.38 -18.45 -11.96
N GLY A 236 -8.93 -19.65 -12.13
CA GLY A 236 -8.99 -20.30 -13.42
C GLY A 236 -9.89 -19.59 -14.40
N ASP A 237 -10.78 -18.73 -13.91
CA ASP A 237 -11.61 -17.93 -14.82
C ASP A 237 -10.80 -16.78 -15.44
N TRP A 238 -9.62 -16.53 -14.91
CA TRP A 238 -8.81 -15.35 -15.30
C TRP A 238 -7.45 -15.78 -15.88
N TYR A 239 -6.58 -16.40 -15.07
CA TYR A 239 -5.25 -16.74 -15.53
C TYR A 239 -5.23 -18.11 -16.27
N GLN A 240 -4.48 -18.12 -17.36
CA GLN A 240 -4.26 -19.32 -18.20
C GLN A 240 -3.12 -20.17 -17.68
N THR A 241 -2.15 -19.56 -17.00
CA THR A 241 -1.06 -20.30 -16.34
C THR A 241 -1.01 -20.15 -14.82
N GLU A 242 -0.35 -21.10 -14.18
CA GLU A 242 -0.13 -21.05 -12.74
C GLU A 242 0.89 -19.93 -12.47
N GLY A 243 1.04 -19.53 -11.22
CA GLY A 243 2.11 -18.58 -10.83
C GLY A 243 1.68 -17.31 -10.12
N TYR A 244 0.42 -16.90 -10.28
CA TYR A 244 -0.05 -15.62 -9.78
C TYR A 244 -1.04 -15.88 -8.64
N SER A 245 -1.96 -14.94 -8.38
CA SER A 245 -2.98 -15.13 -7.34
C SER A 245 -4.30 -14.64 -7.86
N ASP A 246 -5.36 -14.76 -7.05
CA ASP A 246 -6.69 -14.33 -7.47
C ASP A 246 -7.04 -12.90 -6.99
N TYR A 247 -6.02 -12.05 -6.96
CA TYR A 247 -6.19 -10.59 -6.84
C TYR A 247 -5.09 -9.86 -7.60
N ILE A 248 -5.39 -8.62 -7.97
CA ILE A 248 -4.40 -7.78 -8.56
C ILE A 248 -4.46 -6.42 -7.88
N SER A 249 -3.51 -5.55 -8.25
CA SER A 249 -3.66 -4.13 -8.08
C SER A 249 -3.53 -3.40 -9.38
N ILE A 250 -4.22 -2.26 -9.46
CA ILE A 250 -4.05 -1.35 -10.59
C ILE A 250 -3.72 0.08 -10.13
N GLU A 251 -2.67 0.63 -10.74
CA GLU A 251 -2.15 1.95 -10.41
C GLU A 251 -2.68 2.93 -11.46
N GLY A 252 -3.33 4.00 -10.99
CA GLY A 252 -3.83 5.05 -11.87
C GLY A 252 -3.62 6.50 -11.33
N ILE A 253 -4.12 7.46 -12.08
CA ILE A 253 -4.12 8.88 -11.70
C ILE A 253 -5.53 9.40 -11.97
N MET A 254 -6.12 10.06 -10.98
CA MET A 254 -7.27 10.91 -11.18
C MET A 254 -6.81 12.31 -11.55
N ALA A 255 -7.38 12.81 -12.62
CA ALA A 255 -7.18 14.18 -13.06
C ALA A 255 -8.52 14.81 -13.37
N ASP A 256 -8.81 15.90 -12.67
CA ASP A 256 -10.13 16.55 -12.71
C ASP A 256 -11.27 15.57 -12.68
N GLY A 257 -11.15 14.53 -11.85
CA GLY A 257 -12.29 13.69 -11.55
C GLY A 257 -12.48 12.53 -12.56
N GLU A 258 -11.57 12.44 -13.52
CA GLU A 258 -11.49 11.34 -14.48
C GLU A 258 -10.31 10.38 -14.18
N TYR A 259 -10.58 9.08 -14.29
CA TYR A 259 -9.61 8.04 -14.02
C TYR A 259 -8.74 7.73 -15.22
N PHE A 260 -7.43 7.72 -15.00
CA PHE A 260 -6.43 7.35 -15.98
C PHE A 260 -5.62 6.15 -15.53
N PRO A 261 -5.93 4.96 -16.08
CA PRO A 261 -5.18 3.77 -15.71
C PRO A 261 -3.75 3.83 -16.26
N ILE A 262 -2.82 3.30 -15.51
CA ILE A 262 -1.42 3.28 -15.93
C ILE A 262 -0.92 1.86 -16.08
N ALA A 263 -1.08 1.04 -15.05
CA ALA A 263 -0.55 -0.32 -15.10
C ALA A 263 -1.20 -1.19 -14.04
N ILE A 264 -1.34 -2.45 -14.39
CA ILE A 264 -1.91 -3.49 -13.55
C ILE A 264 -0.77 -4.38 -13.14
N HIS A 265 -0.76 -4.71 -11.84
CA HIS A 265 0.27 -5.58 -11.26
C HIS A 265 -0.33 -6.94 -10.95
N ASP A 266 0.29 -8.02 -11.48
CA ASP A 266 0.07 -9.37 -10.97
C ASP A 266 0.70 -9.57 -9.62
N LYS A 267 0.19 -10.56 -8.87
CA LYS A 267 0.65 -10.87 -7.49
C LYS A 267 1.03 -12.33 -7.39
N THR A 268 1.90 -12.66 -6.42
CA THR A 268 2.05 -14.04 -5.96
C THR A 268 1.16 -14.26 -4.75
N PRO A 269 0.84 -15.53 -4.43
CA PRO A 269 -0.07 -15.74 -3.30
C PRO A 269 0.45 -15.13 -2.00
N GLN A 270 -0.46 -14.56 -1.22
CA GLN A 270 -0.18 -13.94 0.08
C GLN A 270 0.09 -15.05 1.12
N ILE A 271 0.77 -14.66 2.19
CA ILE A 271 0.89 -15.48 3.40
C ILE A 271 -0.17 -15.02 4.40
N GLY A 272 -1.29 -15.71 4.42
CA GLY A 272 -2.54 -15.17 4.99
C GLY A 272 -3.00 -13.99 4.15
N PHE A 273 -2.97 -12.79 4.74
CA PHE A 273 -3.20 -11.56 3.96
C PHE A 273 -1.95 -10.71 3.80
N THR A 274 -0.82 -11.20 4.30
CA THR A 274 0.44 -10.52 4.07
C THR A 274 0.90 -10.69 2.63
N GLU A 275 1.11 -9.57 1.96
CA GLU A 275 1.52 -9.57 0.54
C GLU A 275 2.97 -10.01 0.35
N THR A 276 3.23 -10.63 -0.80
CA THR A 276 4.53 -11.28 -1.09
C THR A 276 5.30 -10.75 -2.32
N SER A 277 4.63 -10.54 -3.44
CA SER A 277 5.34 -10.09 -4.66
C SER A 277 4.41 -9.38 -5.61
N HIS A 278 4.98 -8.51 -6.44
CA HIS A 278 4.28 -7.72 -7.44
C HIS A 278 5.04 -7.76 -8.74
N ILE A 279 4.34 -8.16 -9.81
CA ILE A 279 4.91 -8.23 -11.15
C ILE A 279 4.36 -7.14 -12.07
N THR A 280 5.29 -6.37 -12.63
CA THR A 280 4.97 -5.27 -13.53
C THR A 280 5.32 -5.71 -14.96
N PRO A 281 4.39 -5.59 -15.92
CA PRO A 281 2.97 -5.40 -15.81
C PRO A 281 2.23 -6.75 -15.86
N SER A 282 0.92 -6.71 -15.74
CA SER A 282 0.10 -7.94 -15.79
C SER A 282 0.22 -8.71 -17.11
N ILE A 283 0.22 -10.03 -16.99
CA ILE A 283 0.10 -10.97 -18.17
C ILE A 283 -1.34 -11.18 -18.71
N LEU A 284 -2.32 -10.70 -17.94
CA LEU A 284 -3.72 -10.89 -18.28
C LEU A 284 -4.00 -10.34 -19.65
N ASP A 285 -4.87 -11.03 -20.39
CA ASP A 285 -5.27 -10.59 -21.75
C ASP A 285 -6.00 -9.27 -21.76
N GLU A 286 -6.15 -8.70 -22.94
CA GLU A 286 -6.65 -7.36 -23.07
C GLU A 286 -8.08 -7.26 -22.63
N GLU A 287 -8.84 -8.34 -22.76
CA GLU A 287 -10.21 -8.30 -22.31
C GLU A 287 -10.30 -8.30 -20.80
N ALA A 288 -9.48 -9.13 -20.16
CA ALA A 288 -9.39 -9.20 -18.69
C ALA A 288 -8.99 -7.82 -18.14
N LYS A 289 -8.07 -7.16 -18.82
CA LYS A 289 -7.52 -5.87 -18.40
C LYS A 289 -8.54 -4.77 -18.61
N LYS A 290 -9.33 -4.89 -19.70
CA LYS A 290 -10.46 -3.96 -19.96
C LYS A 290 -11.50 -4.00 -18.80
N LYS A 291 -11.79 -5.20 -18.30
CA LYS A 291 -12.75 -5.37 -17.21
C LYS A 291 -12.24 -4.77 -15.88
N ILE A 292 -10.94 -4.95 -15.59
CA ILE A 292 -10.27 -4.42 -14.39
C ILE A 292 -10.29 -2.89 -14.43
N VAL A 293 -9.90 -2.34 -15.58
CA VAL A 293 -9.91 -0.90 -15.81
C VAL A 293 -11.31 -0.30 -15.64
N GLU A 294 -12.32 -0.92 -16.25
CA GLU A 294 -13.69 -0.48 -16.07
C GLU A 294 -14.07 -0.51 -14.58
N ALA A 295 -13.72 -1.58 -13.85
CA ALA A 295 -14.05 -1.64 -12.40
C ALA A 295 -13.35 -0.54 -11.56
N ALA A 296 -12.08 -0.31 -11.84
CA ALA A 296 -11.26 0.69 -11.12
C ALA A 296 -11.76 2.10 -11.43
N LYS A 297 -12.17 2.31 -12.67
CA LYS A 297 -12.73 3.57 -13.08
C LYS A 297 -14.00 3.87 -12.27
N LYS A 298 -14.91 2.91 -12.24
CA LYS A 298 -16.21 3.12 -11.59
C LYS A 298 -16.02 3.31 -10.09
N ALA A 299 -15.08 2.57 -9.53
CA ALA A 299 -14.80 2.62 -8.12
C ALA A 299 -14.25 3.99 -7.71
N ASN A 300 -13.21 4.45 -8.42
CA ASN A 300 -12.51 5.69 -8.06
C ASN A 300 -13.28 6.96 -8.41
N GLU A 301 -13.94 6.96 -9.57
CA GLU A 301 -14.94 7.97 -9.87
C GLU A 301 -16.13 7.87 -8.91
N GLY A 302 -16.41 6.70 -8.40
CA GLY A 302 -17.51 6.53 -7.46
C GLY A 302 -17.22 7.13 -6.10
N LEU A 303 -15.96 7.07 -5.74
CA LEU A 303 -15.47 7.67 -4.52
C LEU A 303 -15.55 9.17 -4.59
N GLY A 304 -15.47 9.71 -5.80
CA GLY A 304 -15.54 11.13 -6.02
C GLY A 304 -14.19 11.83 -6.13
N LEU A 305 -13.11 11.05 -6.28
CA LEU A 305 -11.74 11.60 -6.21
C LEU A 305 -11.48 12.52 -7.39
N GLN A 306 -10.76 13.60 -7.15
CA GLN A 306 -10.55 14.65 -8.16
C GLN A 306 -9.14 14.60 -8.76
N ASN A 307 -8.12 14.78 -7.93
CA ASN A 307 -6.75 14.83 -8.39
C ASN A 307 -5.82 14.14 -7.36
N CYS A 308 -5.29 13.00 -7.74
CA CYS A 308 -4.47 12.16 -6.85
C CYS A 308 -3.95 10.99 -7.63
N ALA A 309 -3.02 10.23 -7.01
CA ALA A 309 -2.74 8.87 -7.51
C ALA A 309 -3.70 7.90 -6.86
N THR A 310 -3.88 6.73 -7.46
CA THR A 310 -4.72 5.71 -6.90
C THR A 310 -4.00 4.35 -6.98
N HIS A 311 -4.22 3.55 -5.95
CA HIS A 311 -3.82 2.18 -5.89
C HIS A 311 -5.07 1.40 -5.50
N THR A 312 -5.53 0.56 -6.43
CA THR A 312 -6.84 -0.05 -6.32
C THR A 312 -6.64 -1.57 -6.38
N GLU A 313 -7.17 -2.27 -5.39
CA GLU A 313 -7.01 -3.70 -5.30
C GLU A 313 -8.33 -4.38 -5.63
N ILE A 314 -8.26 -5.48 -6.39
CA ILE A 314 -9.41 -6.09 -7.08
C ILE A 314 -9.28 -7.61 -7.01
N LYS A 315 -10.36 -8.27 -6.58
CA LYS A 315 -10.37 -9.71 -6.43
C LYS A 315 -10.92 -10.24 -7.75
N LEU A 316 -10.28 -11.29 -8.26
CA LEU A 316 -10.62 -11.82 -9.56
C LEU A 316 -11.61 -12.95 -9.34
N MET A 317 -12.90 -12.67 -9.50
CA MET A 317 -13.95 -13.56 -9.04
C MET A 317 -14.54 -14.36 -10.19
N LYS A 318 -15.49 -15.22 -9.86
CA LYS A 318 -16.16 -16.05 -10.87
C LYS A 318 -16.78 -15.23 -12.03
N ASN A 319 -16.78 -15.82 -13.22
CA ASN A 319 -17.36 -15.19 -14.40
C ASN A 319 -16.64 -13.90 -14.80
N ARG A 320 -15.37 -13.81 -14.41
CA ARG A 320 -14.54 -12.62 -14.58
C ARG A 320 -15.25 -11.36 -14.05
N GLU A 321 -15.85 -11.50 -12.89
CA GLU A 321 -16.41 -10.36 -12.17
C GLU A 321 -15.31 -9.75 -11.32
N PRO A 322 -14.99 -8.47 -11.55
CA PRO A 322 -14.02 -7.86 -10.61
C PRO A 322 -14.67 -7.42 -9.29
N GLY A 323 -14.12 -7.86 -8.17
CA GLY A 323 -14.60 -7.48 -6.87
C GLY A 323 -13.69 -6.37 -6.37
N LEU A 324 -14.25 -5.27 -5.92
CA LEU A 324 -13.44 -4.23 -5.23
C LEU A 324 -13.04 -4.64 -3.82
N ILE A 325 -11.75 -4.72 -3.59
CA ILE A 325 -11.24 -4.88 -2.26
C ILE A 325 -11.14 -3.55 -1.51
N GLU A 326 -10.33 -2.64 -2.04
CA GLU A 326 -10.20 -1.29 -1.51
C GLU A 326 -9.52 -0.46 -2.55
N SER A 327 -9.52 0.84 -2.33
CA SER A 327 -8.75 1.78 -3.16
C SER A 327 -8.22 2.92 -2.30
N ALA A 328 -6.97 3.32 -2.54
CA ALA A 328 -6.33 4.43 -1.81
C ALA A 328 -6.13 5.58 -2.76
N ALA A 329 -6.15 6.78 -2.23
CA ALA A 329 -5.84 8.01 -2.98
C ALA A 329 -4.36 8.39 -2.91
N ARG A 330 -3.51 7.38 -3.00
CA ARG A 330 -2.08 7.52 -3.04
C ARG A 330 -1.40 6.36 -3.72
N PHE A 331 -0.10 6.52 -3.97
CA PHE A 331 0.66 5.51 -4.68
C PHE A 331 0.69 4.18 -4.01
N ALA A 332 0.71 3.13 -4.84
CA ALA A 332 1.20 1.81 -4.40
C ALA A 332 2.53 1.91 -3.66
N GLY A 333 2.68 1.04 -2.67
CA GLY A 333 3.93 0.93 -1.91
C GLY A 333 4.87 -0.06 -2.54
N TRP A 334 5.82 -0.55 -1.75
CA TRP A 334 7.00 -1.28 -2.26
C TRP A 334 7.65 -0.56 -3.47
N ASN A 335 8.18 -1.32 -4.44
CA ASN A 335 8.72 -0.75 -5.68
C ASN A 335 7.78 -0.78 -6.89
N MET A 336 6.48 -0.77 -6.65
CA MET A 336 5.55 -0.85 -7.76
C MET A 336 5.66 0.39 -8.62
N ILE A 337 5.77 1.59 -8.03
CA ILE A 337 5.88 2.75 -8.89
C ILE A 337 7.26 2.87 -9.60
N PRO A 338 8.40 2.72 -8.86
CA PRO A 338 9.70 2.62 -9.56
C PRO A 338 9.74 1.61 -10.71
N ASN A 339 9.07 0.47 -10.52
CA ASN A 339 9.11 -0.64 -11.50
C ASN A 339 8.29 -0.33 -12.75
N ILE A 340 7.27 0.51 -12.63
CA ILE A 340 6.56 1.06 -13.80
C ILE A 340 7.49 1.94 -14.63
N LYS A 341 8.34 2.72 -13.96
CA LYS A 341 9.34 3.51 -14.68
C LYS A 341 10.40 2.63 -15.34
N LYS A 342 10.80 1.56 -14.65
CA LYS A 342 11.83 0.67 -15.14
C LYS A 342 11.31 0.04 -16.46
N VAL A 343 10.05 -0.37 -16.46
CA VAL A 343 9.51 -1.13 -17.59
C VAL A 343 9.14 -0.20 -18.76
N PHE A 344 8.44 0.88 -18.45
CA PHE A 344 7.80 1.68 -19.49
C PHE A 344 8.47 3.03 -19.73
N GLY A 345 9.33 3.47 -18.80
CA GLY A 345 9.94 4.77 -18.97
C GLY A 345 9.10 5.89 -18.35
N LEU A 346 7.92 5.56 -17.85
CA LEU A 346 7.03 6.57 -17.29
C LEU A 346 7.23 6.75 -15.78
N ASP A 347 7.41 8.01 -15.40
CA ASP A 347 7.64 8.37 -13.98
C ASP A 347 6.33 8.91 -13.45
N MET A 348 5.62 8.06 -12.74
CA MET A 348 4.25 8.38 -12.31
C MET A 348 4.28 9.46 -11.22
N ALA A 349 5.40 9.57 -10.49
CA ALA A 349 5.53 10.63 -9.48
C ALA A 349 5.55 11.97 -10.15
N GLN A 350 6.35 12.08 -11.22
CA GLN A 350 6.37 13.31 -11.99
C GLN A 350 5.04 13.60 -12.67
N LEU A 351 4.38 12.54 -13.13
CA LEU A 351 3.08 12.68 -13.74
C LEU A 351 2.01 13.17 -12.76
N LEU A 352 2.00 12.64 -11.53
CA LEU A 352 1.10 13.15 -10.51
C LEU A 352 1.34 14.65 -10.26
N LEU A 353 2.60 15.05 -10.10
CA LEU A 353 2.91 16.43 -9.82
C LEU A 353 2.51 17.36 -10.97
N ASP A 354 2.64 16.85 -12.21
CA ASP A 354 2.23 17.58 -13.42
C ASP A 354 0.72 17.83 -13.42
N VAL A 355 -0.05 16.84 -13.00
CA VAL A 355 -1.51 16.96 -12.83
C VAL A 355 -1.88 17.93 -11.69
N LEU A 356 -1.23 17.78 -10.54
CA LEU A 356 -1.52 18.71 -9.45
C LEU A 356 -1.26 20.19 -9.83
N CYS A 357 -0.25 20.42 -10.65
CA CYS A 357 0.14 21.77 -11.03
C CYS A 357 -0.52 22.26 -12.32
N PHE A 358 -0.75 21.37 -13.26
CA PHE A 358 -1.22 21.82 -14.56
C PHE A 358 -2.51 21.16 -15.04
N GLY A 359 -3.09 20.28 -14.22
CA GLY A 359 -4.36 19.62 -14.57
C GLY A 359 -4.29 18.64 -15.75
N LYS A 360 -5.31 18.65 -16.61
CA LYS A 360 -5.29 17.78 -17.76
C LYS A 360 -4.33 18.25 -18.87
N ASP A 361 -3.69 19.42 -18.69
CA ASP A 361 -2.50 19.75 -19.49
C ASP A 361 -1.32 18.80 -19.28
N ALA A 362 -1.31 18.03 -18.18
CA ALA A 362 -0.33 16.94 -18.01
C ALA A 362 -0.43 15.88 -19.11
N ASP A 363 0.67 15.18 -19.36
CA ASP A 363 0.79 14.23 -20.46
C ASP A 363 0.28 12.87 -20.04
N LEU A 364 -1.03 12.76 -19.87
CA LEU A 364 -1.62 11.53 -19.35
C LEU A 364 -1.69 10.47 -20.46
N PRO A 365 -1.26 9.24 -20.18
CA PRO A 365 -1.42 8.23 -21.22
C PRO A 365 -2.86 7.93 -21.53
N ASP A 366 -3.10 7.59 -22.79
CA ASP A 366 -4.45 7.24 -23.19
C ASP A 366 -4.59 5.73 -23.14
N GLY A 367 -4.81 5.22 -21.94
CA GLY A 367 -4.91 3.80 -21.69
C GLY A 367 -3.72 3.23 -20.94
N LEU A 368 -3.84 1.98 -20.51
CA LEU A 368 -2.72 1.27 -19.94
C LEU A 368 -1.49 1.34 -20.82
N LEU A 369 -0.35 1.49 -20.16
CA LEU A 369 0.90 1.43 -20.83
C LEU A 369 1.09 0.04 -21.44
N ASP A 370 1.72 -0.01 -22.61
CA ASP A 370 2.01 -1.31 -23.28
C ASP A 370 3.39 -1.36 -23.91
N GLN A 371 3.66 -2.38 -24.74
CA GLN A 371 4.97 -2.56 -25.38
C GLN A 371 6.09 -2.65 -24.37
N GLU A 372 5.78 -3.32 -23.26
CA GLU A 372 6.76 -3.63 -22.26
C GLU A 372 7.86 -4.51 -22.83
N PRO A 373 9.12 -4.19 -22.49
CA PRO A 373 10.24 -4.95 -23.04
C PRO A 373 10.52 -6.23 -22.29
N TYR A 374 9.90 -6.38 -21.13
CA TYR A 374 10.19 -7.48 -20.20
C TYR A 374 9.34 -7.24 -18.98
N TYR A 375 9.25 -8.24 -18.10
CA TYR A 375 8.55 -8.16 -16.81
C TYR A 375 9.56 -7.99 -15.63
N VAL A 376 9.18 -7.19 -14.63
CA VAL A 376 9.96 -7.01 -13.38
C VAL A 376 9.14 -7.40 -12.17
N ALA A 377 9.72 -8.26 -11.33
CA ALA A 377 9.08 -8.67 -10.08
C ALA A 377 9.77 -7.98 -8.90
N ASP A 378 8.94 -7.55 -7.94
CA ASP A 378 9.35 -6.95 -6.68
C ASP A 378 8.89 -7.91 -5.57
N CYS A 379 9.82 -8.53 -4.85
CA CYS A 379 9.51 -9.70 -3.99
C CYS A 379 10.13 -9.57 -2.58
N HIS A 380 9.34 -9.89 -1.55
CA HIS A 380 9.84 -9.96 -0.19
C HIS A 380 9.76 -11.38 0.35
N LEU A 381 10.78 -11.76 1.12
CA LEU A 381 10.74 -12.95 1.94
C LEU A 381 10.47 -12.63 3.41
N TYR A 382 9.80 -13.55 4.08
CA TYR A 382 9.34 -13.38 5.45
C TYR A 382 9.78 -14.56 6.30
N PRO A 383 9.88 -14.35 7.64
CA PRO A 383 10.13 -15.49 8.50
C PRO A 383 9.35 -16.73 8.08
N GLN A 384 8.11 -16.54 7.63
CA GLN A 384 7.25 -17.68 7.27
C GLN A 384 7.75 -18.54 6.13
N HIS A 385 8.41 -17.95 5.15
CA HIS A 385 8.96 -18.75 4.08
C HIS A 385 9.97 -19.74 4.65
N PHE A 386 10.57 -19.41 5.80
CA PHE A 386 11.54 -20.32 6.45
C PHE A 386 10.91 -21.19 7.56
N LYS A 387 9.84 -20.69 8.18
CA LYS A 387 8.97 -21.54 9.01
C LYS A 387 8.36 -22.68 8.17
N GLN A 388 7.92 -22.34 6.96
CA GLN A 388 7.22 -23.29 6.10
C GLN A 388 8.19 -24.26 5.42
N ASN A 389 9.36 -23.73 5.11
CA ASN A 389 10.59 -24.48 4.85
C ASN A 389 11.11 -25.36 5.99
N GLY A 390 10.67 -25.07 7.21
CA GLY A 390 11.18 -25.80 8.40
C GLY A 390 12.57 -25.35 8.86
N GLN A 391 13.13 -24.32 8.22
CA GLN A 391 14.44 -23.81 8.61
C GLN A 391 14.39 -23.07 9.95
N ILE A 392 13.23 -22.48 10.23
CA ILE A 392 12.93 -21.96 11.57
C ILE A 392 12.00 -22.93 12.27
N PRO A 393 12.38 -23.43 13.48
CA PRO A 393 11.48 -24.32 14.21
C PRO A 393 10.15 -23.62 14.53
N GLU A 394 9.06 -24.36 14.42
CA GLU A 394 7.72 -23.78 14.34
C GLU A 394 7.30 -23.01 15.60
N THR A 395 7.94 -23.31 16.72
CA THR A 395 7.46 -22.86 18.04
C THR A 395 8.33 -21.73 18.59
N ALA A 396 9.01 -21.01 17.72
CA ALA A 396 10.05 -20.07 18.12
C ALA A 396 9.50 -18.66 18.10
N GLU A 397 9.69 -17.94 19.20
CA GLU A 397 9.13 -16.59 19.35
C GLU A 397 10.13 -15.50 18.93
N ASP A 398 11.43 -15.79 19.05
CA ASP A 398 12.48 -14.86 18.62
C ASP A 398 13.55 -15.59 17.82
N LEU A 399 14.35 -14.84 17.08
CA LEU A 399 15.54 -15.40 16.43
C LEU A 399 16.55 -14.30 16.14
N VAL A 400 17.78 -14.69 15.86
CA VAL A 400 18.82 -13.74 15.46
C VAL A 400 19.42 -14.15 14.12
N ILE A 401 19.42 -13.20 13.19
CA ILE A 401 19.69 -13.51 11.78
C ILE A 401 21.18 -13.34 11.45
N GLU A 402 21.79 -14.41 10.98
CA GLU A 402 23.19 -14.39 10.53
C GLU A 402 23.27 -14.12 9.02
N ALA A 403 22.56 -14.92 8.22
CA ALA A 403 22.59 -14.78 6.75
C ALA A 403 21.31 -15.24 6.10
N ILE A 404 21.07 -14.73 4.89
CA ILE A 404 20.04 -15.28 4.01
C ILE A 404 20.62 -15.49 2.61
N ASP A 405 20.51 -16.71 2.10
CA ASP A 405 21.14 -17.10 0.84
C ASP A 405 20.10 -17.68 -0.14
N ILE A 406 20.29 -17.40 -1.43
CA ILE A 406 19.51 -18.04 -2.47
C ILE A 406 20.40 -19.05 -3.21
N PRO A 407 20.11 -20.35 -3.04
CA PRO A 407 20.82 -21.34 -3.85
C PRO A 407 20.69 -21.06 -5.33
N ASP A 408 21.74 -21.38 -6.08
CA ASP A 408 21.71 -21.26 -7.53
C ASP A 408 20.86 -22.36 -8.16
N GLY A 409 20.66 -22.26 -9.47
CA GLY A 409 19.85 -23.23 -10.20
C GLY A 409 18.35 -22.92 -10.25
N LEU A 410 17.90 -21.89 -9.51
CA LEU A 410 16.46 -21.77 -9.22
C LEU A 410 15.68 -20.95 -10.23
N LEU A 411 16.36 -20.46 -11.26
CA LEU A 411 15.78 -19.53 -12.21
C LEU A 411 15.26 -20.28 -13.46
N LYS A 412 14.01 -19.99 -13.84
CA LYS A 412 13.42 -20.54 -15.07
C LYS A 412 13.69 -19.62 -16.26
N GLY A 413 14.16 -20.21 -17.35
CA GLY A 413 14.19 -19.53 -18.63
C GLY A 413 15.24 -18.45 -18.63
N ASP A 414 14.91 -17.29 -19.16
CA ASP A 414 15.87 -16.18 -19.22
C ASP A 414 15.74 -15.23 -18.05
N THR A 415 15.14 -15.70 -16.96
CA THR A 415 14.87 -14.85 -15.81
C THR A 415 16.19 -14.54 -15.15
N GLU A 416 16.38 -13.27 -14.81
CA GLU A 416 17.62 -12.75 -14.22
C GLU A 416 17.31 -12.18 -12.86
N ILE A 417 18.22 -12.38 -11.92
CA ILE A 417 18.19 -11.65 -10.66
C ILE A 417 18.97 -10.34 -10.81
N VAL A 418 18.25 -9.22 -10.69
CA VAL A 418 18.80 -7.89 -10.95
C VAL A 418 19.50 -7.41 -9.69
N SER A 419 18.86 -7.71 -8.56
CA SER A 419 19.30 -7.27 -7.25
C SER A 419 18.71 -8.20 -6.19
N PHE A 420 19.40 -8.29 -5.06
CA PHE A 420 19.03 -9.09 -3.88
C PHE A 420 19.58 -8.41 -2.63
N SER A 421 18.72 -8.25 -1.62
CA SER A 421 19.09 -7.61 -0.36
C SER A 421 18.51 -8.35 0.82
N ALA A 422 19.34 -8.63 1.82
CA ALA A 422 18.92 -9.34 3.02
C ALA A 422 19.07 -8.46 4.25
N ALA A 423 18.37 -8.82 5.32
CA ALA A 423 18.60 -8.22 6.61
C ALA A 423 20.06 -8.43 7.07
N ALA A 424 20.64 -7.40 7.67
CA ALA A 424 22.06 -7.43 8.02
C ALA A 424 22.34 -8.60 8.97
N PRO A 425 23.50 -9.26 8.81
CA PRO A 425 23.94 -10.17 9.86
C PRO A 425 23.83 -9.50 11.24
N GLY A 426 23.33 -10.24 12.23
CA GLY A 426 23.15 -9.70 13.57
C GLY A 426 21.75 -9.23 13.91
N THR A 427 20.94 -8.93 12.89
CA THR A 427 19.61 -8.35 13.10
C THR A 427 18.71 -9.24 13.96
N SER A 428 17.90 -8.60 14.81
CA SER A 428 17.03 -9.32 15.74
C SER A 428 15.58 -9.26 15.27
N VAL A 429 14.91 -10.41 15.28
CA VAL A 429 13.56 -10.51 14.77
C VAL A 429 12.63 -11.10 15.82
N ASP A 430 11.56 -10.37 16.14
CA ASP A 430 10.51 -10.89 17.02
C ASP A 430 9.45 -11.56 16.17
N LEU A 431 9.13 -12.81 16.51
CA LEU A 431 8.20 -13.61 15.71
C LEU A 431 6.77 -13.59 16.23
N THR A 432 6.52 -12.90 17.35
CA THR A 432 5.14 -12.63 17.76
C THR A 432 4.52 -11.57 16.85
N LEU A 433 5.36 -10.83 16.12
CA LEU A 433 4.94 -9.70 15.30
C LEU A 433 4.10 -10.15 14.11
N PHE A 434 3.15 -9.32 13.73
CA PHE A 434 2.41 -9.47 12.48
C PHE A 434 3.38 -9.52 11.30
N GLU A 435 3.14 -10.44 10.36
CA GLU A 435 4.14 -10.81 9.34
C GLU A 435 4.52 -9.63 8.46
N ALA A 436 3.55 -8.81 8.07
CA ALA A 436 3.78 -7.78 7.04
C ALA A 436 4.82 -6.76 7.52
N PHE A 437 5.05 -6.74 8.82
CA PHE A 437 6.05 -5.89 9.40
C PHE A 437 7.46 -6.51 9.31
N ASN A 438 7.55 -7.76 8.81
CA ASN A 438 8.72 -8.58 9.10
C ASN A 438 9.53 -9.10 7.91
N SER A 439 9.46 -8.48 6.73
CA SER A 439 10.27 -8.97 5.61
C SER A 439 11.74 -8.92 6.03
N ILE A 440 12.44 -10.02 5.82
CA ILE A 440 13.84 -10.14 6.14
C ILE A 440 14.71 -10.25 4.89
N ALA A 441 14.08 -10.25 3.71
CA ALA A 441 14.83 -10.12 2.46
C ALA A 441 13.95 -9.60 1.35
N ALA A 442 14.57 -8.99 0.35
CA ALA A 442 13.86 -8.46 -0.80
C ALA A 442 14.72 -8.80 -2.00
N PHE A 443 14.05 -9.14 -3.11
CA PHE A 443 14.73 -9.32 -4.41
C PHE A 443 13.94 -8.79 -5.62
N GLU A 444 14.65 -8.41 -6.67
CA GLU A 444 14.04 -8.05 -7.92
C GLU A 444 14.47 -9.03 -9.01
N LEU A 445 13.47 -9.59 -9.71
CA LEU A 445 13.68 -10.42 -10.85
C LEU A 445 13.29 -9.66 -12.11
N LYS A 446 13.95 -9.99 -13.22
CA LYS A 446 13.45 -9.62 -14.52
C LYS A 446 13.50 -10.79 -15.50
N GLY A 447 12.51 -10.87 -16.38
CA GLY A 447 12.47 -11.93 -17.43
C GLY A 447 11.53 -11.54 -18.56
N SER A 448 11.70 -12.20 -19.69
CA SER A 448 10.92 -11.92 -20.90
C SER A 448 9.60 -12.68 -20.84
N ASN A 449 9.53 -13.65 -19.95
CA ASN A 449 8.43 -14.59 -19.93
C ASN A 449 7.86 -14.59 -18.52
N SER A 450 6.63 -14.11 -18.39
CA SER A 450 6.09 -13.78 -17.08
C SER A 450 5.90 -15.07 -16.28
N GLN A 451 5.43 -16.13 -16.91
CA GLN A 451 5.14 -17.35 -16.15
C GLN A 451 6.47 -17.95 -15.59
N ASP A 452 7.56 -17.76 -16.32
CA ASP A 452 8.89 -18.18 -15.90
C ASP A 452 9.36 -17.31 -14.67
N VAL A 453 9.12 -16.01 -14.76
CA VAL A 453 9.44 -15.15 -13.66
C VAL A 453 8.70 -15.60 -12.40
N ALA A 454 7.41 -15.82 -12.52
CA ALA A 454 6.55 -16.23 -11.41
C ALA A 454 6.97 -17.56 -10.77
N GLU A 455 7.31 -18.53 -11.63
CA GLU A 455 7.79 -19.82 -11.14
C GLU A 455 9.09 -19.66 -10.37
N SER A 456 10.01 -18.84 -10.90
CA SER A 456 11.30 -18.55 -10.20
C SER A 456 11.08 -17.95 -8.81
N ILE A 457 10.10 -17.07 -8.67
CA ILE A 457 9.75 -16.51 -7.36
C ILE A 457 9.36 -17.64 -6.40
N ARG A 458 8.50 -18.55 -6.84
CA ARG A 458 8.09 -19.71 -5.99
C ARG A 458 9.28 -20.61 -5.63
N GLN A 459 10.23 -20.78 -6.56
CA GLN A 459 11.43 -21.59 -6.31
C GLN A 459 12.31 -20.88 -5.29
N ILE A 460 12.59 -19.59 -5.52
CA ILE A 460 13.35 -18.83 -4.55
C ILE A 460 12.70 -18.86 -3.17
N GLN A 461 11.37 -18.73 -3.12
CA GLN A 461 10.61 -18.77 -1.86
C GLN A 461 10.78 -20.09 -1.09
N GLN A 462 10.65 -21.21 -1.76
CA GLN A 462 10.59 -22.47 -1.05
C GLN A 462 11.98 -22.92 -0.62
N HIS A 463 13.02 -22.46 -1.32
CA HIS A 463 14.36 -23.00 -1.17
C HIS A 463 15.41 -22.07 -0.54
N ALA A 464 15.05 -20.81 -0.29
CA ALA A 464 15.99 -19.85 0.29
C ALA A 464 16.54 -20.37 1.63
N LYS A 465 17.77 -19.98 1.96
CA LYS A 465 18.50 -20.56 3.10
C LYS A 465 18.73 -19.53 4.20
N LEU A 466 18.10 -19.75 5.35
CA LEU A 466 18.25 -18.91 6.52
C LEU A 466 19.24 -19.52 7.49
N THR A 467 20.34 -18.83 7.71
CA THR A 467 21.25 -19.15 8.82
C THR A 467 20.98 -18.18 9.97
N ALA A 468 20.62 -18.74 11.14
CA ALA A 468 19.99 -17.95 12.21
C ALA A 468 20.25 -18.55 13.60
N LYS A 469 20.66 -17.71 14.55
CA LYS A 469 20.77 -18.12 15.94
C LYS A 469 19.39 -18.09 16.59
N TYR A 470 19.01 -19.20 17.22
CA TYR A 470 17.77 -19.25 17.99
C TYR A 470 18.09 -19.34 19.47
PB ADP B . -5.42 -2.88 3.90
O1B ADP B . -5.01 -3.34 5.29
O2B ADP B . -5.76 -1.40 3.68
O3B ADP B . -4.43 -3.41 2.91
PA ADP B . -7.48 -4.44 2.50
O1A ADP B . -6.67 -4.18 1.27
O2A ADP B . -8.98 -4.24 2.53
O3A ADP B . -6.92 -3.49 3.73
O5' ADP B . -7.21 -5.89 3.10
C5' ADP B . -5.92 -6.49 3.00
C4' ADP B . -6.06 -7.81 2.22
O4' ADP B . -7.09 -8.61 2.79
C3' ADP B . -6.46 -7.57 0.77
O3' ADP B . -5.30 -7.33 -0.06
C2' ADP B . -7.22 -8.84 0.41
O2' ADP B . -6.31 -9.88 0.06
C1' ADP B . -7.85 -9.24 1.73
N9 ADP B . -9.23 -8.77 1.77
C8 ADP B . -9.68 -7.67 2.42
N7 ADP B . -11.01 -7.58 2.30
C5 ADP B . -11.44 -8.62 1.54
C6 ADP B . -12.74 -9.11 1.04
N6 ADP B . -13.91 -8.47 1.27
N1 ADP B . -12.74 -10.25 0.31
C2 ADP B . -11.60 -10.92 0.05
N3 ADP B . -10.38 -10.52 0.46
C4 ADP B . -10.25 -9.40 1.23
MG MG C . -4.88 -3.15 0.66
MG MG D . -5.32 -0.20 2.29
P PO4 E . -2.46 -1.15 1.29
O1 PO4 E . -3.19 -2.36 0.60
O2 PO4 E . -3.51 -0.24 1.90
O3 PO4 E . -1.59 -1.75 2.40
O4 PO4 E . -1.67 -0.39 0.29
#